data_6XB6
#
_entry.id   6XB6
#
_cell.length_a   44.162
_cell.length_b   75.414
_cell.length_c   77.422
_cell.angle_alpha   90.000
_cell.angle_beta   100.061
_cell.angle_gamma   90.000
#
_symmetry.space_group_name_H-M   'P 1 21 1'
#
loop_
_entity.id
_entity.type
_entity.pdbx_description
1 polymer Poxin
2 water water
#
_entity_poly.entity_id   1
_entity_poly.type   'polypeptide(L)'
_entity_poly.pdbx_seq_one_letter_code
;SMMKSTALNEKYYGLVENVTIPASLHEYNGKPYSKVGNAMPIHCATQEEKELLSRTTHHYCDLFTDKLFAPLEELVFVRL
DENKAEKVFLNRHKRLFLTSSDGVVASWRCAPTLESLNKFMAGTPLVGRDGRVVSLLTAKHGNHYAVSHLEGDGGYFETS
KPWEIKDMEDGRLYYGNKSFNSRDELRAYIQNLPPLEVDSSAPPQPILLRGKNPRIILVAENGRQISHQYISSNLITDVE
YL
;
_entity_poly.pdbx_strand_id   A,B
#
# COMPACT_ATOMS: atom_id res chain seq x y z
N LYS A 4 -3.54 -22.12 32.16
CA LYS A 4 -2.29 -22.84 32.19
C LYS A 4 -1.48 -22.50 30.94
N SER A 5 -1.13 -23.47 30.11
CA SER A 5 -0.13 -23.30 29.07
C SER A 5 -0.69 -22.72 27.78
N THR A 6 -0.03 -21.68 27.26
CA THR A 6 -0.29 -21.19 25.92
C THR A 6 0.61 -21.84 24.86
N ALA A 7 1.70 -22.47 25.28
CA ALA A 7 2.47 -23.31 24.39
C ALA A 7 1.94 -24.74 24.52
N LEU A 8 1.68 -25.37 23.38
CA LEU A 8 1.07 -26.69 23.34
C LEU A 8 2.10 -27.81 23.48
N ASN A 9 3.37 -27.55 23.18
CA ASN A 9 4.45 -28.52 23.38
C ASN A 9 4.85 -28.57 24.84
N GLU A 10 5.21 -29.76 25.31
CA GLU A 10 5.50 -29.97 26.73
C GLU A 10 6.91 -29.52 27.10
N LYS A 11 7.88 -29.66 26.18
CA LYS A 11 9.26 -29.24 26.42
C LYS A 11 9.52 -27.90 25.74
N TYR A 12 9.78 -26.86 26.55
CA TYR A 12 9.90 -25.49 26.02
C TYR A 12 11.28 -25.28 25.43
N TYR A 13 11.29 -24.68 24.23
CA TYR A 13 12.49 -24.34 23.49
C TYR A 13 12.83 -22.89 23.74
N GLY A 14 14.11 -22.56 23.49
CA GLY A 14 14.54 -21.19 23.49
C GLY A 14 15.01 -20.69 24.84
N LEU A 15 15.16 -19.38 24.92
CA LEU A 15 15.60 -18.69 26.12
C LEU A 15 14.38 -18.45 26.99
N VAL A 16 14.22 -19.26 28.02
CA VAL A 16 13.06 -19.24 28.89
C VAL A 16 13.40 -18.49 30.16
N GLU A 17 12.55 -17.54 30.52
CA GLU A 17 12.74 -16.73 31.71
C GLU A 17 11.47 -16.74 32.55
N ASN A 18 11.67 -16.40 33.82
CA ASN A 18 10.56 -16.37 34.78
C ASN A 18 9.86 -15.03 34.62
N VAL A 19 8.80 -15.01 33.83
CA VAL A 19 7.98 -13.83 33.60
C VAL A 19 6.55 -14.29 33.71
N THR A 20 5.74 -13.58 34.53
CA THR A 20 4.36 -13.96 34.80
C THR A 20 3.43 -13.07 33.97
N ILE A 21 2.75 -13.69 33.01
CA ILE A 21 1.92 -12.96 32.06
C ILE A 21 0.49 -13.52 32.13
N PRO A 22 -0.50 -12.75 32.58
CA PRO A 22 -1.86 -13.29 32.67
C PRO A 22 -2.45 -13.64 31.31
N ALA A 23 -3.23 -14.71 31.27
CA ALA A 23 -4.03 -15.07 30.11
C ALA A 23 -5.11 -16.06 30.55
N SER A 24 -6.20 -16.10 29.81
CA SER A 24 -7.27 -17.07 30.03
C SER A 24 -7.45 -17.91 28.79
N LEU A 25 -7.85 -19.16 28.99
CA LEU A 25 -7.95 -20.12 27.89
C LEU A 25 -9.41 -20.32 27.47
N HIS A 26 -9.63 -20.42 26.16
CA HIS A 26 -10.94 -20.51 25.53
C HIS A 26 -10.87 -21.50 24.35
N GLU A 27 -11.98 -21.72 23.69
CA GLU A 27 -12.01 -22.61 22.55
C GLU A 27 -13.08 -22.14 21.57
N TYR A 28 -12.79 -22.30 20.30
CA TYR A 28 -13.76 -22.02 19.25
C TYR A 28 -13.54 -23.02 18.12
N ASN A 29 -14.61 -23.66 17.65
CA ASN A 29 -14.55 -24.60 16.54
C ASN A 29 -13.53 -25.69 16.81
N GLY A 30 -13.44 -26.08 18.07
CA GLY A 30 -12.56 -27.15 18.49
C GLY A 30 -11.09 -26.77 18.57
N LYS A 31 -10.75 -25.51 18.43
CA LYS A 31 -9.38 -25.03 18.52
C LYS A 31 -9.21 -24.12 19.73
N PRO A 32 -8.12 -24.25 20.47
CA PRO A 32 -7.90 -23.38 21.63
C PRO A 32 -7.43 -21.99 21.22
N TYR A 33 -7.72 -21.04 22.10
CA TYR A 33 -7.13 -19.71 21.98
C TYR A 33 -7.09 -19.06 23.36
N SER A 34 -6.24 -18.02 23.51
CA SER A 34 -6.18 -17.29 24.75
C SER A 34 -6.68 -15.86 24.56
N LYS A 35 -7.11 -15.28 25.67
CA LYS A 35 -7.51 -13.88 25.76
C LYS A 35 -6.72 -13.22 26.87
N VAL A 36 -6.63 -11.90 26.81
CA VAL A 36 -6.19 -11.08 27.94
C VAL A 36 -7.34 -10.12 28.19
N GLY A 37 -8.12 -10.39 29.23
CA GLY A 37 -9.34 -9.63 29.45
C GLY A 37 -10.28 -9.80 28.28
N ASN A 38 -10.68 -8.68 27.67
CA ASN A 38 -11.57 -8.72 26.54
C ASN A 38 -10.85 -8.79 25.21
N ALA A 39 -9.52 -8.68 25.21
CA ALA A 39 -8.73 -8.68 23.98
C ALA A 39 -8.55 -10.10 23.45
N MET A 40 -8.65 -10.27 22.13
CA MET A 40 -8.64 -11.60 21.50
C MET A 40 -8.40 -11.47 20.00
N PRO A 41 -8.02 -12.54 19.33
CA PRO A 41 -7.92 -12.48 17.87
C PRO A 41 -9.29 -12.47 17.20
N ILE A 42 -9.40 -11.68 16.14
CA ILE A 42 -10.66 -11.55 15.44
C ILE A 42 -11.11 -12.87 14.87
N HIS A 43 -10.19 -13.65 14.31
CA HIS A 43 -10.53 -14.92 13.69
C HIS A 43 -11.02 -15.97 14.68
N CYS A 44 -10.92 -15.72 16.00
CA CYS A 44 -11.43 -16.61 17.03
C CYS A 44 -12.81 -16.23 17.55
N ALA A 45 -13.38 -15.13 17.06
CA ALA A 45 -14.69 -14.64 17.47
C ALA A 45 -15.81 -15.13 16.57
N THR A 46 -16.95 -15.42 17.19
CA THR A 46 -18.17 -15.69 16.44
C THR A 46 -18.67 -14.39 15.82
N GLN A 47 -19.63 -14.51 14.90
CA GLN A 47 -20.18 -13.33 14.24
C GLN A 47 -20.86 -12.42 15.26
N GLU A 48 -21.58 -13.01 16.21
CA GLU A 48 -22.25 -12.22 17.23
C GLU A 48 -21.27 -11.52 18.16
N GLU A 49 -20.12 -12.15 18.41
CA GLU A 49 -19.06 -11.50 19.18
C GLU A 49 -18.44 -10.36 18.38
N LYS A 50 -18.13 -10.60 17.11
CA LYS A 50 -17.55 -9.55 16.27
C LYS A 50 -18.45 -8.33 16.21
N GLU A 51 -19.76 -8.57 16.10
CA GLU A 51 -20.70 -7.47 15.95
C GLU A 51 -20.69 -6.52 17.16
N LEU A 52 -20.38 -7.00 18.35
CA LEU A 52 -20.19 -6.10 19.48
C LEU A 52 -18.74 -5.59 19.63
N LEU A 53 -17.77 -6.50 19.52
CA LEU A 53 -16.38 -6.11 19.76
C LEU A 53 -15.92 -5.07 18.74
N SER A 54 -16.47 -5.11 17.52
CA SER A 54 -16.06 -4.22 16.45
C SER A 54 -16.41 -2.79 16.76
N ARG A 55 -17.36 -2.56 17.67
CA ARG A 55 -17.88 -1.20 17.89
C ARG A 55 -17.03 -0.38 18.85
N THR A 56 -16.15 -1.01 19.61
CA THR A 56 -15.26 -0.29 20.53
C THR A 56 -13.78 -0.53 20.26
N THR A 57 -13.42 -1.53 19.47
CA THR A 57 -12.01 -1.86 19.32
C THR A 57 -11.24 -0.76 18.62
N HIS A 58 -9.93 -0.73 18.92
CA HIS A 58 -8.95 -0.06 18.08
C HIS A 58 -8.66 -0.91 16.86
N HIS A 59 -8.12 -0.28 15.81
CA HIS A 59 -7.84 -0.94 14.54
C HIS A 59 -6.47 -1.60 14.62
N TYR A 60 -6.44 -2.92 14.78
CA TYR A 60 -5.26 -3.76 14.65
C TYR A 60 -5.70 -4.93 13.77
N CYS A 61 -4.85 -5.34 12.85
CA CYS A 61 -5.23 -6.45 11.98
C CYS A 61 -5.33 -7.75 12.79
N ASP A 62 -6.48 -8.38 12.72
CA ASP A 62 -6.79 -9.64 13.41
C ASP A 62 -6.74 -9.56 14.91
N LEU A 63 -6.89 -8.37 15.49
CA LEU A 63 -6.97 -8.30 16.95
C LEU A 63 -8.01 -7.31 17.41
N PHE A 64 -8.82 -7.73 18.37
CA PHE A 64 -9.73 -6.83 19.06
C PHE A 64 -9.08 -6.40 20.40
N THR A 65 -9.10 -5.09 20.70
CA THR A 65 -8.68 -4.55 21.99
C THR A 65 -9.27 -3.16 22.15
N ASP A 66 -9.85 -2.91 23.31
CA ASP A 66 -10.45 -1.62 23.60
C ASP A 66 -9.41 -0.60 24.02
N LYS A 67 -8.18 -1.05 24.30
CA LYS A 67 -7.11 -0.13 24.68
C LYS A 67 -5.92 -0.38 23.78
N LEU A 68 -5.15 0.69 23.53
CA LEU A 68 -3.97 0.54 22.70
C LEU A 68 -2.98 -0.42 23.36
N PHE A 69 -2.33 -1.24 22.54
CA PHE A 69 -1.25 -2.03 23.08
C PHE A 69 -0.03 -1.16 23.35
N ALA A 70 0.83 -1.67 24.22
CA ALA A 70 2.08 -0.99 24.56
C ALA A 70 3.01 -1.00 23.35
N PRO A 71 4.01 -0.11 23.35
CA PRO A 71 4.87 0.03 22.17
C PRO A 71 5.68 -1.22 21.88
N LEU A 72 5.97 -1.42 20.61
CA LEU A 72 6.72 -2.57 20.14
C LEU A 72 8.15 -2.12 19.91
N GLU A 73 9.10 -2.76 20.61
CA GLU A 73 10.51 -2.39 20.53
C GLU A 73 11.33 -3.49 19.87
N GLU A 74 12.53 -3.80 20.38
CA GLU A 74 13.45 -4.72 19.74
C GLU A 74 13.21 -6.17 20.14
N LEU A 75 12.58 -6.40 21.28
CA LEU A 75 12.40 -7.76 21.78
C LEU A 75 11.09 -7.82 22.54
N VAL A 76 10.59 -9.05 22.68
CA VAL A 76 9.37 -9.34 23.42
C VAL A 76 9.57 -10.65 24.16
N PHE A 77 8.69 -10.87 25.13
CA PHE A 77 8.58 -12.11 25.88
C PHE A 77 7.23 -12.73 25.51
N VAL A 78 7.25 -13.99 25.07
CA VAL A 78 6.04 -14.69 24.62
C VAL A 78 5.60 -15.68 25.71
N ARG A 79 4.37 -15.54 26.19
CA ARG A 79 3.92 -16.37 27.31
C ARG A 79 3.96 -17.86 26.96
N LEU A 80 4.60 -18.67 27.83
CA LEU A 80 4.61 -20.12 27.69
C LEU A 80 3.57 -20.75 28.60
N ASP A 81 3.60 -20.40 29.88
CA ASP A 81 2.60 -20.84 30.87
C ASP A 81 2.44 -19.73 31.90
N GLU A 82 1.83 -20.06 33.04
CA GLU A 82 1.52 -19.05 34.04
C GLU A 82 2.77 -18.34 34.56
N ASN A 83 3.95 -19.00 34.54
CA ASN A 83 5.14 -18.44 35.17
C ASN A 83 6.34 -18.27 34.26
N LYS A 84 6.27 -18.71 33.01
CA LYS A 84 7.43 -18.71 32.11
C LYS A 84 7.08 -18.07 30.77
N ALA A 85 8.07 -17.41 30.18
CA ALA A 85 7.95 -16.81 28.86
C ALA A 85 9.26 -16.93 28.11
N GLU A 86 9.18 -16.94 26.78
CA GLU A 86 10.36 -17.03 25.92
C GLU A 86 10.79 -15.64 25.45
N LYS A 87 12.07 -15.34 25.58
CA LYS A 87 12.63 -14.05 25.20
C LYS A 87 13.11 -14.15 23.76
N VAL A 88 12.55 -13.33 22.87
CA VAL A 88 12.86 -13.38 21.45
C VAL A 88 13.04 -11.99 20.85
N PHE A 89 13.79 -11.93 19.76
CA PHE A 89 13.95 -10.68 19.02
C PHE A 89 12.81 -10.48 18.02
N LEU A 90 12.41 -9.23 17.83
CA LEU A 90 11.54 -8.88 16.71
C LEU A 90 12.35 -8.80 15.43
N ASN A 91 11.79 -9.34 14.36
CA ASN A 91 12.41 -9.38 13.03
C ASN A 91 11.60 -8.51 12.09
N ARG A 92 12.13 -7.33 11.76
CA ARG A 92 11.45 -6.40 10.86
C ARG A 92 11.80 -6.63 9.40
N HIS A 93 12.63 -7.63 9.10
CA HIS A 93 13.00 -7.94 7.73
C HIS A 93 12.07 -8.97 7.10
N LYS A 94 11.61 -9.95 7.89
CA LYS A 94 10.73 -11.00 7.41
C LYS A 94 9.32 -10.67 7.86
N ARG A 95 8.42 -10.45 6.90
CA ARG A 95 7.07 -9.98 7.18
C ARG A 95 6.03 -10.94 6.69
N LEU A 96 5.06 -11.19 7.56
CA LEU A 96 3.88 -11.96 7.19
C LEU A 96 2.73 -11.01 6.85
N PHE A 97 1.96 -11.32 5.79
CA PHE A 97 0.81 -10.55 5.38
C PHE A 97 -0.43 -11.09 6.08
N LEU A 98 -1.01 -10.28 6.95
CA LEU A 98 -2.22 -10.60 7.66
C LEU A 98 -3.44 -9.91 7.01
N THR A 99 -4.59 -10.60 7.10
CA THR A 99 -5.89 -10.02 6.77
C THR A 99 -6.91 -10.39 7.85
N SER A 100 -7.94 -9.54 7.99
CA SER A 100 -9.03 -9.77 8.93
C SER A 100 -10.24 -8.96 8.52
N SER A 101 -11.39 -9.33 9.08
CA SER A 101 -12.63 -8.61 8.89
CA SER A 101 -12.61 -8.58 8.91
C SER A 101 -13.48 -8.75 10.15
N ASP A 102 -14.12 -7.65 10.57
CA ASP A 102 -14.96 -7.65 11.77
C ASP A 102 -16.37 -7.16 11.48
N GLY A 103 -16.72 -7.03 10.21
CA GLY A 103 -18.02 -6.53 9.78
C GLY A 103 -18.10 -5.02 9.67
N VAL A 104 -17.06 -4.31 10.11
CA VAL A 104 -16.94 -2.87 9.95
C VAL A 104 -15.81 -2.53 9.02
N VAL A 105 -14.64 -3.11 9.29
CA VAL A 105 -13.47 -2.92 8.44
C VAL A 105 -12.80 -4.26 8.10
N ALA A 106 -12.29 -4.31 6.87
CA ALA A 106 -11.48 -5.42 6.36
C ALA A 106 -10.04 -4.89 6.31
N SER A 107 -9.21 -5.35 7.23
CA SER A 107 -7.86 -4.80 7.38
CA SER A 107 -7.85 -4.84 7.45
C SER A 107 -6.80 -5.77 6.85
N TRP A 108 -5.63 -5.19 6.55
CA TRP A 108 -4.44 -5.92 6.18
C TRP A 108 -3.21 -5.28 6.84
N ARG A 109 -2.17 -6.10 6.98
CA ARG A 109 -0.96 -5.62 7.61
C ARG A 109 0.24 -6.43 7.14
N CYS A 110 1.34 -5.74 6.83
CA CYS A 110 2.64 -6.36 6.56
C CYS A 110 3.39 -6.40 7.89
N ALA A 111 3.16 -7.45 8.64
CA ALA A 111 3.55 -7.51 10.04
C ALA A 111 4.98 -8.02 10.20
N PRO A 112 5.73 -7.42 11.12
CA PRO A 112 7.01 -8.02 11.50
C PRO A 112 6.76 -9.33 12.23
N THR A 113 7.84 -10.11 12.46
CA THR A 113 7.73 -11.47 12.96
C THR A 113 8.68 -11.73 14.11
N LEU A 114 8.44 -12.85 14.79
CA LEU A 114 9.37 -13.46 15.72
C LEU A 114 9.47 -14.94 15.35
N GLU A 115 10.64 -15.54 15.60
CA GLU A 115 10.85 -16.96 15.33
C GLU A 115 10.90 -17.74 16.63
N SER A 116 10.17 -18.86 16.69
CA SER A 116 10.19 -19.74 17.86
C SER A 116 9.92 -21.16 17.43
N LEU A 117 10.57 -22.11 18.10
CA LEU A 117 10.27 -23.54 17.92
C LEU A 117 9.13 -24.01 18.82
N ASN A 118 8.65 -23.18 19.72
CA ASN A 118 7.48 -23.56 20.51
C ASN A 118 6.24 -23.38 19.67
N LYS A 119 5.19 -24.11 20.05
CA LYS A 119 3.91 -24.10 19.33
C LYS A 119 2.88 -23.33 20.16
N PHE A 120 2.77 -22.03 19.92
CA PHE A 120 1.87 -21.18 20.68
C PHE A 120 0.48 -21.17 20.05
N MET A 121 -0.55 -21.12 20.89
CA MET A 121 -1.91 -20.96 20.41
C MET A 121 -2.23 -19.50 20.02
N ALA A 122 -3.28 -19.38 19.21
CA ALA A 122 -3.80 -18.06 18.92
C ALA A 122 -4.10 -17.29 20.20
N GLY A 123 -3.87 -15.98 20.19
CA GLY A 123 -4.15 -15.10 21.30
C GLY A 123 -3.10 -15.10 22.38
N THR A 124 -2.02 -15.89 22.24
CA THR A 124 -0.96 -15.89 23.24
C THR A 124 -0.40 -14.48 23.38
N PRO A 125 -0.34 -13.95 24.60
CA PRO A 125 0.17 -12.59 24.78
C PRO A 125 1.69 -12.49 24.74
N LEU A 126 2.13 -11.35 24.20
CA LEU A 126 3.52 -10.93 24.18
C LEU A 126 3.65 -9.65 24.99
N VAL A 127 4.72 -9.54 25.77
CA VAL A 127 4.96 -8.38 26.61
C VAL A 127 6.35 -7.86 26.36
N GLY A 128 6.54 -6.57 26.63
CA GLY A 128 7.84 -5.94 26.54
C GLY A 128 8.55 -5.96 27.88
N ARG A 129 9.62 -5.16 27.95
CA ARG A 129 10.46 -5.14 29.13
C ARG A 129 9.68 -4.82 30.40
N ASP A 130 8.67 -3.95 30.32
CA ASP A 130 7.92 -3.55 31.50
C ASP A 130 6.70 -4.42 31.81
N GLY A 131 6.50 -5.51 31.06
CA GLY A 131 5.43 -6.43 31.35
C GLY A 131 4.09 -6.08 30.76
N ARG A 132 3.96 -4.94 30.10
CA ARG A 132 2.70 -4.57 29.48
C ARG A 132 2.54 -5.32 28.16
N VAL A 133 1.29 -5.71 27.85
CA VAL A 133 1.00 -6.47 26.64
C VAL A 133 1.23 -5.58 25.42
N VAL A 134 2.02 -6.11 24.47
CA VAL A 134 2.33 -5.44 23.22
C VAL A 134 1.51 -5.97 22.05
N SER A 135 1.10 -7.24 22.08
CA SER A 135 0.33 -7.84 21.00
C SER A 135 -0.14 -9.20 21.49
N LEU A 136 -0.98 -9.83 20.68
CA LEU A 136 -1.32 -11.24 20.86
C LEU A 136 -1.00 -11.97 19.56
N LEU A 137 -0.65 -13.26 19.66
CA LEU A 137 -0.39 -14.01 18.43
C LEU A 137 -1.67 -14.24 17.60
N THR A 138 -1.48 -14.29 16.28
CA THR A 138 -2.56 -14.33 15.30
C THR A 138 -2.32 -15.46 14.29
N ALA A 139 -1.29 -15.30 13.44
CA ALA A 139 -0.96 -16.28 12.41
C ALA A 139 0.54 -16.58 12.34
N LYS A 140 0.87 -17.68 11.68
CA LYS A 140 2.27 -18.08 11.57
C LYS A 140 2.52 -18.78 10.24
N HIS A 141 3.79 -18.77 9.85
CA HIS A 141 4.30 -19.50 8.69
C HIS A 141 5.60 -20.14 9.16
N GLY A 142 5.61 -21.47 9.17
CA GLY A 142 6.77 -22.16 9.73
C GLY A 142 6.92 -21.82 11.20
N ASN A 143 8.15 -21.48 11.61
CA ASN A 143 8.43 -21.06 12.97
C ASN A 143 8.33 -19.54 13.11
N HIS A 144 7.79 -18.83 12.10
CA HIS A 144 7.68 -17.37 12.13
C HIS A 144 6.26 -16.94 12.45
N TYR A 145 6.12 -16.22 13.57
CA TYR A 145 4.85 -15.73 14.04
C TYR A 145 4.72 -14.25 13.74
N ALA A 146 3.59 -13.84 13.21
CA ALA A 146 3.34 -12.41 12.99
C ALA A 146 3.14 -11.70 14.32
N VAL A 147 3.56 -10.43 14.38
CA VAL A 147 3.30 -9.51 15.50
C VAL A 147 2.45 -8.36 14.96
N SER A 148 1.14 -8.47 15.14
CA SER A 148 0.23 -7.47 14.66
C SER A 148 0.27 -6.23 15.55
N HIS A 149 0.50 -5.08 14.96
CA HIS A 149 0.71 -3.85 15.71
C HIS A 149 0.43 -2.67 14.79
N LEU A 150 0.85 -1.49 15.18
CA LEU A 150 0.58 -0.30 14.38
C LEU A 150 1.74 0.08 13.48
N GLU A 151 2.76 -0.76 13.39
CA GLU A 151 3.89 -0.51 12.53
C GLU A 151 3.87 -1.47 11.33
N GLY A 152 4.60 -1.06 10.30
CA GLY A 152 4.61 -1.74 9.03
C GLY A 152 3.51 -1.23 8.13
N ASP A 153 3.70 -1.46 6.84
CA ASP A 153 2.70 -1.02 5.88
C ASP A 153 1.40 -1.78 6.15
N GLY A 154 0.26 -1.14 5.91
CA GLY A 154 -1.01 -1.83 6.14
C GLY A 154 -2.13 -0.86 5.87
N GLY A 155 -3.34 -1.33 6.08
CA GLY A 155 -4.50 -0.48 5.90
C GLY A 155 -5.81 -1.19 6.17
N TYR A 156 -6.91 -0.52 5.79
CA TYR A 156 -8.20 -1.17 5.90
C TYR A 156 -9.19 -0.56 4.91
N PHE A 157 -10.20 -1.34 4.59
CA PHE A 157 -11.33 -0.97 3.77
C PHE A 157 -12.59 -0.93 4.63
N GLU A 158 -13.42 0.08 4.41
CA GLU A 158 -14.69 0.26 5.12
C GLU A 158 -15.74 -0.59 4.40
N THR A 159 -16.07 -1.73 5.00
CA THR A 159 -16.97 -2.71 4.42
C THR A 159 -17.34 -3.79 5.41
N SER A 160 -18.51 -4.39 5.21
CA SER A 160 -18.90 -5.55 5.97
C SER A 160 -18.47 -6.87 5.33
N LYS A 161 -17.90 -6.84 4.12
CA LYS A 161 -17.54 -8.09 3.49
C LYS A 161 -16.23 -8.65 4.05
N PRO A 162 -16.10 -9.97 4.17
CA PRO A 162 -14.81 -10.58 4.48
C PRO A 162 -13.92 -10.63 3.24
N TRP A 163 -12.64 -10.89 3.48
CA TRP A 163 -11.70 -11.00 2.37
C TRP A 163 -11.96 -12.24 1.52
N GLU A 164 -11.70 -12.09 0.21
CA GLU A 164 -11.51 -13.21 -0.70
C GLU A 164 -10.02 -13.35 -0.94
N ILE A 165 -9.50 -14.58 -0.86
CA ILE A 165 -8.07 -14.84 -1.00
C ILE A 165 -7.89 -15.80 -2.16
N LYS A 166 -7.15 -15.38 -3.19
CA LYS A 166 -7.02 -16.15 -4.41
C LYS A 166 -5.53 -16.28 -4.74
N ASP A 167 -5.23 -17.22 -5.66
CA ASP A 167 -3.88 -17.43 -6.17
C ASP A 167 -3.86 -17.13 -7.65
N MET A 168 -2.84 -16.43 -8.09
CA MET A 168 -2.73 -16.03 -9.48
C MET A 168 -2.11 -17.13 -10.33
N GLU A 169 -2.30 -17.00 -11.65
CA GLU A 169 -1.78 -17.93 -12.64
C GLU A 169 -0.87 -17.19 -13.61
N ASP A 170 0.22 -17.84 -14.01
CA ASP A 170 1.16 -17.25 -14.95
C ASP A 170 0.45 -16.90 -16.25
N GLY A 171 0.77 -15.72 -16.77
CA GLY A 171 0.25 -15.27 -18.03
C GLY A 171 -1.12 -14.62 -17.98
N ARG A 172 -1.75 -14.55 -16.81
CA ARG A 172 -3.08 -13.97 -16.72
C ARG A 172 -3.02 -12.52 -16.26
N LEU A 173 -3.98 -11.75 -16.74
CA LEU A 173 -4.21 -10.36 -16.37
C LEU A 173 -5.44 -10.29 -15.47
N TYR A 174 -5.44 -9.36 -14.52
CA TYR A 174 -6.49 -9.31 -13.50
C TYR A 174 -7.13 -7.94 -13.41
N TYR A 175 -8.47 -7.91 -13.40
CA TYR A 175 -9.29 -6.71 -13.15
C TYR A 175 -10.47 -7.15 -12.30
N GLY A 176 -10.70 -6.47 -11.20
CA GLY A 176 -11.88 -6.76 -10.37
C GLY A 176 -11.92 -8.19 -9.90
N ASN A 177 -13.03 -8.87 -10.21
CA ASN A 177 -13.24 -10.28 -9.88
C ASN A 177 -12.66 -11.23 -10.89
N LYS A 178 -12.10 -10.77 -12.00
CA LYS A 178 -11.93 -11.62 -13.16
C LYS A 178 -10.46 -11.72 -13.59
N SER A 179 -10.18 -12.73 -14.38
CA SER A 179 -8.87 -12.87 -15.01
C SER A 179 -9.07 -13.11 -16.50
N PHE A 180 -8.04 -12.72 -17.25
CA PHE A 180 -8.09 -12.69 -18.71
C PHE A 180 -6.77 -13.14 -19.31
N ASN A 181 -6.84 -13.69 -20.51
CA ASN A 181 -5.64 -14.09 -21.24
C ASN A 181 -5.05 -12.98 -22.10
N SER A 182 -5.78 -11.88 -22.33
CA SER A 182 -5.25 -10.84 -23.20
C SER A 182 -5.77 -9.48 -22.73
N ARG A 183 -4.97 -8.45 -23.01
CA ARG A 183 -5.34 -7.09 -22.64
C ARG A 183 -6.60 -6.65 -23.37
N ASP A 184 -6.76 -7.09 -24.63
CA ASP A 184 -7.94 -6.69 -25.39
C ASP A 184 -9.22 -7.16 -24.69
N GLU A 185 -9.23 -8.43 -24.25
CA GLU A 185 -10.39 -8.99 -23.56
C GLU A 185 -10.64 -8.30 -22.22
N LEU A 186 -9.57 -7.97 -21.50
CA LEU A 186 -9.72 -7.27 -20.23
C LEU A 186 -10.34 -5.89 -20.45
N ARG A 187 -9.84 -5.15 -21.43
CA ARG A 187 -10.36 -3.80 -21.64
C ARG A 187 -11.80 -3.85 -22.13
N ALA A 188 -12.15 -4.84 -22.97
CA ALA A 188 -13.52 -4.95 -23.45
C ALA A 188 -14.47 -5.23 -22.29
N TYR A 189 -14.05 -6.09 -21.36
CA TYR A 189 -14.86 -6.38 -20.18
C TYR A 189 -15.15 -5.12 -19.37
N ILE A 190 -14.11 -4.32 -19.06
CA ILE A 190 -14.29 -3.10 -18.28
C ILE A 190 -15.32 -2.18 -18.94
N GLN A 191 -15.13 -1.95 -20.25
CA GLN A 191 -15.91 -0.95 -20.96
C GLN A 191 -17.40 -1.25 -20.86
N ASN A 192 -17.78 -2.53 -20.77
CA ASN A 192 -19.17 -2.93 -20.80
C ASN A 192 -19.81 -3.16 -19.43
N LEU A 193 -19.12 -2.85 -18.35
CA LEU A 193 -19.73 -2.89 -17.04
C LEU A 193 -20.54 -1.63 -16.78
N PRO A 194 -21.55 -1.72 -15.91
CA PRO A 194 -22.26 -0.49 -15.48
C PRO A 194 -21.32 0.42 -14.73
N PRO A 195 -21.68 1.69 -14.54
CA PRO A 195 -20.76 2.60 -13.82
C PRO A 195 -20.56 2.13 -12.39
N LEU A 196 -19.39 2.47 -11.82
CA LEU A 196 -19.08 2.16 -10.43
C LEU A 196 -20.19 2.68 -9.53
N GLU A 197 -20.69 1.83 -8.63
CA GLU A 197 -21.68 2.19 -7.62
C GLU A 197 -21.37 1.44 -6.33
N VAL A 198 -21.54 2.15 -5.22
CA VAL A 198 -21.39 1.60 -3.87
C VAL A 198 -22.48 2.18 -3.01
N ASP A 199 -23.06 1.33 -2.15
CA ASP A 199 -24.01 1.72 -1.12
C ASP A 199 -24.13 0.62 -0.07
N SER A 200 -25.04 0.79 0.89
CA SER A 200 -25.10 -0.18 1.98
C SER A 200 -25.59 -1.57 1.52
N SER A 201 -26.35 -1.67 0.44
CA SER A 201 -26.68 -2.99 -0.08
C SER A 201 -25.72 -3.47 -1.16
N ALA A 202 -24.66 -2.72 -1.41
CA ALA A 202 -23.65 -3.10 -2.41
C ALA A 202 -22.30 -2.70 -1.86
N PRO A 203 -21.83 -3.39 -0.82
CA PRO A 203 -20.57 -3.02 -0.18
C PRO A 203 -19.36 -3.48 -0.97
N PRO A 204 -18.22 -2.82 -0.81
CA PRO A 204 -17.02 -3.24 -1.54
C PRO A 204 -16.47 -4.57 -1.05
N GLN A 205 -15.87 -5.32 -1.97
CA GLN A 205 -15.27 -6.65 -1.77
C GLN A 205 -13.74 -6.58 -1.84
N PRO A 206 -13.04 -6.84 -0.74
CA PRO A 206 -11.57 -6.90 -0.78
C PRO A 206 -11.07 -8.24 -1.27
N ILE A 207 -10.03 -8.19 -2.10
CA ILE A 207 -9.44 -9.39 -2.69
C ILE A 207 -7.94 -9.29 -2.54
N LEU A 208 -7.33 -10.37 -2.03
CA LEU A 208 -5.88 -10.57 -2.02
C LEU A 208 -5.56 -11.56 -3.13
N LEU A 209 -4.71 -11.16 -4.08
CA LEU A 209 -4.21 -12.04 -5.13
C LEU A 209 -2.76 -12.39 -4.79
N ARG A 210 -2.51 -13.66 -4.53
CA ARG A 210 -1.20 -14.14 -4.10
C ARG A 210 -0.43 -14.68 -5.28
N GLY A 211 0.88 -14.46 -5.28
CA GLY A 211 1.71 -14.99 -6.34
C GLY A 211 2.99 -14.19 -6.51
N LYS A 212 3.57 -14.32 -7.71
CA LYS A 212 4.84 -13.67 -7.99
C LYS A 212 4.69 -12.16 -8.17
N ASN A 213 3.52 -11.71 -8.58
CA ASN A 213 3.23 -10.28 -8.76
C ASN A 213 1.92 -9.98 -8.05
N PRO A 214 1.93 -9.99 -6.71
CA PRO A 214 0.68 -10.02 -5.94
C PRO A 214 0.00 -8.68 -5.87
N ARG A 215 -1.30 -8.74 -5.57
CA ARG A 215 -2.15 -7.58 -5.62
C ARG A 215 -3.16 -7.51 -4.48
N ILE A 216 -3.60 -6.29 -4.18
CA ILE A 216 -4.82 -6.06 -3.40
C ILE A 216 -5.79 -5.30 -4.30
N ILE A 217 -6.99 -5.85 -4.47
CA ILE A 217 -8.02 -5.26 -5.32
C ILE A 217 -9.25 -5.03 -4.45
N LEU A 218 -9.85 -3.85 -4.57
CA LEU A 218 -11.14 -3.59 -3.96
C LEU A 218 -12.14 -3.45 -5.09
N VAL A 219 -13.16 -4.32 -5.12
CA VAL A 219 -14.11 -4.36 -6.22
C VAL A 219 -15.54 -4.12 -5.75
N ALA A 220 -16.32 -3.44 -6.56
CA ALA A 220 -17.72 -3.16 -6.27
C ALA A 220 -18.55 -4.40 -6.54
N GLU A 221 -19.76 -4.38 -5.98
CA GLU A 221 -20.68 -5.50 -6.19
C GLU A 221 -20.92 -5.76 -7.67
N ASN A 222 -20.96 -4.69 -8.47
CA ASN A 222 -21.26 -4.80 -9.89
C ASN A 222 -20.04 -5.14 -10.74
N GLY A 223 -18.89 -5.35 -10.13
CA GLY A 223 -17.68 -5.77 -10.83
C GLY A 223 -16.70 -4.65 -11.15
N ARG A 224 -17.10 -3.40 -11.04
CA ARG A 224 -16.14 -2.33 -11.26
C ARG A 224 -15.12 -2.24 -10.16
N GLN A 225 -13.88 -2.00 -10.56
CA GLN A 225 -12.84 -1.72 -9.58
C GLN A 225 -13.04 -0.39 -8.84
N ILE A 226 -12.64 -0.38 -7.57
CA ILE A 226 -12.49 0.84 -6.80
C ILE A 226 -11.02 1.16 -6.62
N SER A 227 -10.18 0.14 -6.33
CA SER A 227 -8.75 0.34 -6.24
C SER A 227 -8.04 -0.94 -6.63
N HIS A 228 -6.79 -0.79 -7.05
CA HIS A 228 -5.95 -1.91 -7.47
C HIS A 228 -4.52 -1.54 -7.07
N GLN A 229 -3.82 -2.40 -6.31
CA GLN A 229 -2.47 -2.05 -5.89
C GLN A 229 -1.58 -3.26 -5.94
N TYR A 230 -0.31 -2.95 -6.17
CA TYR A 230 0.78 -3.92 -6.25
C TYR A 230 1.55 -3.94 -4.94
N ILE A 231 1.71 -5.15 -4.39
CA ILE A 231 2.44 -5.36 -3.14
C ILE A 231 3.66 -6.28 -3.40
N SER A 232 4.53 -6.38 -2.40
CA SER A 232 5.81 -7.04 -2.60
C SER A 232 5.70 -8.56 -2.67
N SER A 233 6.43 -9.17 -3.61
CA SER A 233 6.51 -10.61 -3.70
C SER A 233 7.28 -11.23 -2.55
N ASN A 234 7.95 -10.40 -1.72
CA ASN A 234 8.68 -10.93 -0.58
C ASN A 234 7.80 -11.12 0.65
N LEU A 235 6.60 -10.53 0.64
CA LEU A 235 5.69 -10.72 1.75
C LEU A 235 5.25 -12.19 1.79
N ILE A 236 5.20 -12.75 2.99
CA ILE A 236 4.73 -14.12 3.16
C ILE A 236 3.22 -14.06 3.32
N THR A 237 2.50 -14.46 2.27
CA THR A 237 1.05 -14.45 2.25
C THR A 237 0.41 -15.79 2.55
N ASP A 238 1.17 -16.88 2.56
CA ASP A 238 0.67 -18.18 2.97
C ASP A 238 0.83 -18.31 4.49
N VAL A 239 -0.22 -17.99 5.21
CA VAL A 239 -0.20 -17.97 6.66
C VAL A 239 -1.32 -18.82 7.21
N GLU A 240 -1.10 -19.36 8.39
CA GLU A 240 -2.09 -20.13 9.13
C GLU A 240 -2.60 -19.29 10.30
N TYR A 241 -3.92 -19.05 10.34
CA TYR A 241 -4.58 -18.40 11.46
C TYR A 241 -4.75 -19.46 12.54
N LEU A 242 -4.12 -19.25 13.68
CA LEU A 242 -3.96 -20.29 14.69
C LEU A 242 -5.22 -20.74 15.43
N LYS B 4 16.31 21.30 -28.41
CA LYS B 4 17.55 20.56 -28.55
C LYS B 4 17.89 19.90 -27.21
N SER B 5 18.29 20.69 -26.21
CA SER B 5 18.78 20.16 -24.94
C SER B 5 17.63 19.90 -23.97
N THR B 6 17.63 18.72 -23.36
CA THR B 6 16.72 18.42 -22.27
C THR B 6 17.33 18.76 -20.91
N ALA B 7 18.64 18.94 -20.84
CA ALA B 7 19.25 19.51 -19.64
C ALA B 7 19.34 21.02 -19.78
N LEU B 8 18.86 21.73 -18.78
CA LEU B 8 18.82 23.20 -18.83
C LEU B 8 20.14 23.87 -18.47
N ASN B 9 21.03 23.19 -17.75
CA ASN B 9 22.35 23.72 -17.44
C ASN B 9 23.27 23.59 -18.65
N GLU B 10 24.15 24.58 -18.85
CA GLU B 10 24.96 24.57 -20.05
C GLU B 10 26.15 23.61 -19.95
N LYS B 11 26.72 23.45 -18.76
CA LYS B 11 27.85 22.56 -18.55
C LYS B 11 27.36 21.24 -17.96
N TYR B 12 27.52 20.14 -18.71
CA TYR B 12 26.97 18.86 -18.29
C TYR B 12 27.84 18.20 -17.24
N TYR B 13 27.20 17.68 -16.19
CA TYR B 13 27.86 16.98 -15.10
C TYR B 13 27.74 15.48 -15.29
N GLY B 14 28.62 14.76 -14.61
CA GLY B 14 28.53 13.32 -14.58
C GLY B 14 29.26 12.63 -15.69
N LEU B 15 28.98 11.33 -15.81
CA LEU B 15 29.57 10.46 -16.82
C LEU B 15 28.75 10.61 -18.09
N VAL B 16 29.27 11.36 -19.05
CA VAL B 16 28.60 11.68 -20.29
C VAL B 16 29.10 10.76 -21.39
N GLU B 17 28.16 10.15 -22.11
CA GLU B 17 28.48 9.24 -23.20
C GLU B 17 27.75 9.67 -24.46
N ASN B 18 28.25 9.20 -25.60
CA ASN B 18 27.65 9.52 -26.89
C ASN B 18 26.50 8.55 -27.14
N VAL B 19 25.29 8.98 -26.81
CA VAL B 19 24.07 8.21 -27.02
C VAL B 19 23.06 9.16 -27.63
N THR B 20 22.42 8.75 -28.74
CA THR B 20 21.47 9.58 -29.47
C THR B 20 20.07 9.12 -29.11
N ILE B 21 19.32 9.97 -28.42
CA ILE B 21 17.98 9.64 -27.92
C ILE B 21 17.01 10.68 -28.45
N PRO B 22 16.05 10.34 -29.31
CA PRO B 22 15.13 11.34 -29.84
C PRO B 22 14.24 11.92 -28.76
N ALA B 23 13.95 13.22 -28.92
CA ALA B 23 12.93 13.87 -28.11
C ALA B 23 12.51 15.16 -28.82
N SER B 24 11.28 15.59 -28.54
CA SER B 24 10.77 16.87 -29.03
C SER B 24 10.44 17.75 -27.84
N LEU B 25 10.56 19.07 -28.03
CA LEU B 25 10.41 20.04 -26.94
C LEU B 25 9.08 20.79 -27.04
N HIS B 26 8.44 20.99 -25.89
CA HIS B 26 7.11 21.55 -25.79
C HIS B 26 7.06 22.43 -24.53
N GLU B 27 5.89 22.99 -24.27
CA GLU B 27 5.72 23.90 -23.16
C GLU B 27 4.31 23.76 -22.64
N TYR B 28 4.17 23.83 -21.32
CA TYR B 28 2.86 23.89 -20.67
C TYR B 28 2.98 24.70 -19.39
N ASN B 29 2.07 25.66 -19.21
CA ASN B 29 2.04 26.49 -18.01
C ASN B 29 3.38 27.18 -17.76
N GLY B 30 4.05 27.60 -18.83
CA GLY B 30 5.29 28.31 -18.71
C GLY B 30 6.50 27.47 -18.37
N LYS B 31 6.38 26.16 -18.36
CA LYS B 31 7.50 25.28 -18.10
C LYS B 31 7.75 24.39 -19.31
N PRO B 32 9.00 24.09 -19.63
CA PRO B 32 9.28 23.21 -20.77
C PRO B 32 9.06 21.77 -20.37
N TYR B 33 8.79 20.96 -21.38
CA TYR B 33 8.80 19.51 -21.21
C TYR B 33 9.13 18.88 -22.54
N SER B 34 9.59 17.64 -22.48
CA SER B 34 9.84 16.88 -23.70
C SER B 34 8.89 15.70 -23.85
N LYS B 35 8.74 15.28 -25.11
CA LYS B 35 7.99 14.09 -25.47
C LYS B 35 8.86 13.14 -26.29
N VAL B 36 8.43 11.88 -26.33
CA VAL B 36 8.96 10.88 -27.26
C VAL B 36 7.74 10.39 -28.03
N GLY B 37 7.58 10.87 -29.25
CA GLY B 37 6.33 10.55 -29.96
C GLY B 37 5.17 11.14 -29.20
N ASN B 38 4.19 10.30 -28.91
CA ASN B 38 3.02 10.72 -28.15
C ASN B 38 3.17 10.52 -26.66
N ALA B 39 4.28 9.94 -26.19
CA ALA B 39 4.48 9.70 -24.76
C ALA B 39 4.92 10.99 -24.06
N MET B 40 4.40 11.24 -22.86
CA MET B 40 4.65 12.49 -22.15
C MET B 40 4.21 12.33 -20.71
N PRO B 41 4.67 13.21 -19.82
CA PRO B 41 4.18 13.19 -18.43
C PRO B 41 2.74 13.67 -18.34
N ILE B 42 1.98 13.01 -17.46
CA ILE B 42 0.59 13.40 -17.29
C ILE B 42 0.46 14.83 -16.77
N HIS B 43 1.32 15.23 -15.84
CA HIS B 43 1.20 16.58 -15.27
C HIS B 43 1.52 17.70 -16.25
N CYS B 44 1.98 17.36 -17.45
CA CYS B 44 2.27 18.31 -18.51
C CYS B 44 1.16 18.42 -19.51
N ALA B 45 0.09 17.65 -19.33
CA ALA B 45 -1.00 17.61 -20.28
C ALA B 45 -2.14 18.55 -19.89
N THR B 46 -2.74 19.19 -20.88
CA THR B 46 -3.97 19.92 -20.59
C THR B 46 -5.09 18.91 -20.34
N GLN B 47 -6.19 19.42 -19.79
CA GLN B 47 -7.33 18.55 -19.52
C GLN B 47 -7.85 17.91 -20.80
N GLU B 48 -7.93 18.69 -21.90
CA GLU B 48 -8.38 18.13 -23.18
C GLU B 48 -7.44 17.05 -23.68
N GLU B 49 -6.14 17.20 -23.44
CA GLU B 49 -5.18 16.15 -23.82
C GLU B 49 -5.38 14.91 -22.96
N LYS B 50 -5.52 15.10 -21.64
CA LYS B 50 -5.71 13.96 -20.76
C LYS B 50 -6.94 13.16 -21.14
N GLU B 51 -8.03 13.84 -21.49
CA GLU B 51 -9.29 13.18 -21.82
C GLU B 51 -9.14 12.24 -23.00
N LEU B 52 -8.22 12.50 -23.94
CA LEU B 52 -7.97 11.54 -25.01
C LEU B 52 -6.87 10.54 -24.69
N LEU B 53 -5.73 11.02 -24.16
CA LEU B 53 -4.59 10.15 -23.87
C LEU B 53 -4.93 9.08 -22.82
N SER B 54 -5.84 9.38 -21.90
CA SER B 54 -6.23 8.43 -20.86
C SER B 54 -6.93 7.20 -21.43
N ARG B 55 -7.51 7.29 -22.61
CA ARG B 55 -8.30 6.20 -23.14
C ARG B 55 -7.49 5.11 -23.80
N THR B 56 -6.22 5.37 -24.12
CA THR B 56 -5.36 4.38 -24.76
C THR B 56 -4.09 4.05 -23.97
N THR B 57 -3.76 4.84 -22.95
CA THR B 57 -2.47 4.66 -22.29
C THR B 57 -2.42 3.37 -21.49
N HIS B 58 -1.21 2.84 -21.33
CA HIS B 58 -0.93 1.91 -20.25
C HIS B 58 -0.81 2.69 -18.95
N HIS B 59 -1.09 2.02 -17.83
CA HIS B 59 -1.09 2.69 -16.53
C HIS B 59 0.30 2.73 -15.91
N TYR B 60 0.90 3.92 -15.96
CA TYR B 60 2.14 4.29 -15.30
C TYR B 60 1.87 5.56 -14.50
N CYS B 61 2.47 5.66 -13.32
CA CYS B 61 2.23 6.88 -12.54
C CYS B 61 2.89 8.09 -13.22
N ASP B 62 2.07 9.11 -13.54
CA ASP B 62 2.52 10.37 -14.16
C ASP B 62 3.10 10.20 -15.55
N LEU B 63 2.83 9.10 -16.26
CA LEU B 63 3.27 8.98 -17.65
C LEU B 63 2.18 8.41 -18.53
N PHE B 64 2.01 9.02 -19.71
CA PHE B 64 1.17 8.49 -20.77
C PHE B 64 2.05 7.81 -21.78
N THR B 65 1.70 6.57 -22.16
CA THR B 65 2.35 5.89 -23.27
C THR B 65 1.45 4.81 -23.82
N ASP B 66 1.30 4.74 -25.14
CA ASP B 66 0.44 3.73 -25.73
C ASP B 66 1.11 2.37 -25.82
N LYS B 67 2.42 2.30 -25.59
CA LYS B 67 3.09 1.02 -25.57
C LYS B 67 3.90 0.92 -24.28
N LEU B 68 4.11 -0.31 -23.83
CA LEU B 68 4.90 -0.50 -22.63
C LEU B 68 6.31 0.02 -22.85
N PHE B 69 6.87 0.64 -21.81
CA PHE B 69 8.28 0.96 -21.83
C PHE B 69 9.13 -0.31 -21.70
N ALA B 70 10.39 -0.20 -22.11
CA ALA B 70 11.31 -1.31 -22.01
C ALA B 70 11.65 -1.56 -20.53
N PRO B 71 12.21 -2.73 -20.24
CA PRO B 71 12.44 -3.10 -18.83
C PRO B 71 13.45 -2.20 -18.14
N LEU B 72 13.26 -2.02 -16.85
CA LEU B 72 14.13 -1.19 -16.02
C LEU B 72 15.11 -2.11 -15.32
N GLU B 73 16.42 -1.90 -15.56
CA GLU B 73 17.47 -2.73 -15.00
C GLU B 73 18.26 -1.95 -13.95
N GLU B 74 19.58 -2.09 -13.94
CA GLU B 74 20.45 -1.52 -12.92
C GLU B 74 20.91 -0.09 -13.22
N LEU B 75 20.86 0.31 -14.49
CA LEU B 75 21.37 1.60 -14.89
C LEU B 75 20.52 2.15 -16.03
N VAL B 76 20.63 3.45 -16.26
CA VAL B 76 19.95 4.09 -17.39
C VAL B 76 20.87 5.16 -17.95
N PHE B 77 20.55 5.61 -19.16
CA PHE B 77 21.16 6.77 -19.78
C PHE B 77 20.10 7.85 -19.88
N VAL B 78 20.40 9.03 -19.34
CA VAL B 78 19.45 10.16 -19.30
C VAL B 78 19.83 11.20 -20.38
N ARG B 79 18.90 11.50 -21.28
CA ARG B 79 19.21 12.36 -22.40
C ARG B 79 19.62 13.74 -21.93
N LEU B 80 20.77 14.20 -22.43
CA LEU B 80 21.21 15.58 -22.19
C LEU B 80 20.90 16.51 -23.37
N ASP B 81 21.24 16.06 -24.56
CA ASP B 81 20.90 16.75 -25.81
C ASP B 81 20.78 15.73 -26.93
N GLU B 82 20.80 16.20 -28.18
CA GLU B 82 20.58 15.31 -29.31
C GLU B 82 21.58 14.16 -29.38
N ASN B 83 22.83 14.36 -28.91
CA ASN B 83 23.88 13.36 -29.08
C ASN B 83 24.53 12.84 -27.81
N LYS B 84 24.15 13.35 -26.64
CA LYS B 84 24.81 12.99 -25.39
C LYS B 84 23.80 12.58 -24.34
N ALA B 85 24.23 11.71 -23.43
CA ALA B 85 23.39 11.25 -22.33
C ALA B 85 24.27 10.95 -21.12
N GLU B 86 23.70 11.04 -19.92
CA GLU B 86 24.41 10.77 -18.67
C GLU B 86 24.13 9.34 -18.21
N LYS B 87 25.20 8.59 -17.92
CA LYS B 87 25.07 7.20 -17.48
C LYS B 87 24.99 7.19 -15.96
N VAL B 88 23.90 6.65 -15.41
CA VAL B 88 23.68 6.67 -13.98
C VAL B 88 23.11 5.35 -13.49
N PHE B 89 23.40 5.04 -12.22
CA PHE B 89 22.84 3.87 -11.56
C PHE B 89 21.45 4.17 -10.99
N LEU B 90 20.58 3.17 -11.03
CA LEU B 90 19.31 3.24 -10.34
C LEU B 90 19.47 2.92 -8.85
N ASN B 91 18.79 3.70 -8.04
CA ASN B 91 18.81 3.55 -6.59
C ASN B 91 17.42 3.09 -6.13
N ARG B 92 17.31 1.81 -5.80
CA ARG B 92 16.06 1.26 -5.32
C ARG B 92 15.91 1.38 -3.81
N HIS B 93 16.88 1.98 -3.12
CA HIS B 93 16.78 2.17 -1.67
C HIS B 93 16.10 3.50 -1.33
N LYS B 94 16.37 4.54 -2.10
CA LYS B 94 15.81 5.86 -1.91
C LYS B 94 14.66 6.03 -2.88
N ARG B 95 13.47 6.16 -2.34
CA ARG B 95 12.25 6.17 -3.15
C ARG B 95 11.51 7.48 -3.01
N LEU B 96 10.98 7.97 -4.13
CA LEU B 96 10.13 9.16 -4.17
C LEU B 96 8.69 8.71 -4.39
N PHE B 97 7.73 9.33 -3.67
CA PHE B 97 6.30 9.01 -3.83
C PHE B 97 5.70 9.90 -4.90
N LEU B 98 5.31 9.28 -6.02
CA LEU B 98 4.65 9.97 -7.10
C LEU B 98 3.14 9.78 -7.05
N THR B 99 2.42 10.81 -7.51
CA THR B 99 0.98 10.76 -7.72
C THR B 99 0.63 11.36 -9.07
N SER B 100 -0.50 10.95 -9.64
CA SER B 100 -1.01 11.53 -10.88
C SER B 100 -2.50 11.24 -11.01
N SER B 101 -3.13 12.01 -11.89
CA SER B 101 -4.52 11.77 -12.28
CA SER B 101 -4.53 11.78 -12.28
C SER B 101 -4.70 12.10 -13.75
N ASP B 102 -5.38 11.20 -14.48
CA ASP B 102 -5.69 11.46 -15.88
C ASP B 102 -7.19 11.61 -16.16
N GLY B 103 -8.01 11.70 -15.11
CA GLY B 103 -9.47 11.74 -15.19
C GLY B 103 -10.14 10.40 -15.21
N VAL B 104 -9.36 9.32 -15.31
CA VAL B 104 -9.87 7.96 -15.24
C VAL B 104 -9.36 7.26 -14.00
N VAL B 105 -8.03 7.33 -13.79
CA VAL B 105 -7.42 6.74 -12.59
C VAL B 105 -6.50 7.77 -11.92
N ALA B 106 -6.49 7.71 -10.61
CA ALA B 106 -5.58 8.46 -9.75
C ALA B 106 -4.54 7.47 -9.25
N SER B 107 -3.31 7.57 -9.76
CA SER B 107 -2.26 6.58 -9.52
CA SER B 107 -2.27 6.59 -9.51
C SER B 107 -1.27 7.10 -8.49
N TRP B 108 -0.56 6.16 -7.86
CA TRP B 108 0.56 6.44 -6.99
C TRP B 108 1.64 5.39 -7.19
N ARG B 109 2.86 5.78 -6.85
CA ARG B 109 3.98 4.85 -7.03
C ARG B 109 5.12 5.23 -6.09
N CYS B 110 5.69 4.22 -5.44
CA CYS B 110 6.91 4.36 -4.66
C CYS B 110 8.07 4.11 -5.60
N ALA B 111 8.58 5.18 -6.21
CA ALA B 111 9.45 5.04 -7.36
C ALA B 111 10.92 5.00 -6.93
N PRO B 112 11.73 4.15 -7.53
CA PRO B 112 13.18 4.29 -7.33
C PRO B 112 13.69 5.58 -7.97
N THR B 113 14.94 5.93 -7.64
CA THR B 113 15.48 7.22 -8.04
C THR B 113 16.82 7.10 -8.75
N LEU B 114 17.25 8.21 -9.37
CA LEU B 114 18.62 8.39 -9.83
C LEU B 114 19.07 9.76 -9.35
N GLU B 115 20.36 9.89 -9.06
CA GLU B 115 20.92 11.15 -8.59
C GLU B 115 21.77 11.77 -9.68
N SER B 116 21.53 13.05 -9.95
CA SER B 116 22.28 13.80 -10.95
C SER B 116 22.39 15.27 -10.55
N LEU B 117 23.53 15.89 -10.91
CA LEU B 117 23.71 17.33 -10.76
C LEU B 117 23.18 18.13 -11.96
N ASN B 118 22.79 17.46 -13.04
CA ASN B 118 22.17 18.13 -14.17
C ASN B 118 20.73 18.47 -13.83
N LYS B 119 20.23 19.49 -14.53
CA LYS B 119 18.87 20.00 -14.36
C LYS B 119 18.01 19.60 -15.55
N PHE B 120 17.37 18.46 -15.45
CA PHE B 120 16.60 17.92 -16.57
C PHE B 120 15.16 18.41 -16.52
N MET B 121 14.58 18.65 -17.69
CA MET B 121 13.18 19.02 -17.77
C MET B 121 12.25 17.81 -17.66
N ALA B 122 11.00 18.09 -17.34
CA ALA B 122 9.99 17.06 -17.38
C ALA B 122 9.96 16.36 -18.74
N GLY B 123 9.73 15.03 -18.72
CA GLY B 123 9.62 14.28 -19.93
C GLY B 123 10.93 13.86 -20.54
N THR B 124 12.06 14.20 -19.91
CA THR B 124 13.34 13.81 -20.45
C THR B 124 13.39 12.29 -20.54
N PRO B 125 13.73 11.72 -21.69
CA PRO B 125 13.73 10.26 -21.81
C PRO B 125 14.97 9.61 -21.18
N LEU B 126 14.75 8.40 -20.65
CA LEU B 126 15.80 7.52 -20.15
C LEU B 126 15.78 6.26 -21.00
N VAL B 127 16.97 5.74 -21.34
CA VAL B 127 17.07 4.53 -22.14
C VAL B 127 17.98 3.55 -21.41
N GLY B 128 17.79 2.27 -21.75
CA GLY B 128 18.63 1.20 -21.24
C GLY B 128 19.78 0.91 -22.16
N ARG B 129 20.43 -0.24 -21.90
CA ARG B 129 21.64 -0.59 -22.63
C ARG B 129 21.39 -0.65 -24.14
N ASP B 130 20.21 -1.13 -24.55
CA ASP B 130 19.89 -1.32 -25.96
C ASP B 130 19.26 -0.09 -26.62
N GLY B 131 19.18 1.03 -25.93
CA GLY B 131 18.68 2.26 -26.50
C GLY B 131 17.18 2.44 -26.47
N ARG B 132 16.42 1.45 -26.01
CA ARG B 132 14.97 1.58 -25.91
C ARG B 132 14.58 2.43 -24.70
N VAL B 133 13.55 3.24 -24.86
CA VAL B 133 13.09 4.11 -23.78
C VAL B 133 12.50 3.27 -22.66
N VAL B 134 12.99 3.51 -21.44
CA VAL B 134 12.51 2.83 -20.25
CA VAL B 134 12.53 2.83 -20.23
C VAL B 134 11.56 3.69 -19.42
N SER B 135 11.70 5.01 -19.45
CA SER B 135 10.84 5.90 -18.68
C SER B 135 11.11 7.32 -19.18
N LEU B 136 10.30 8.24 -18.66
CA LEU B 136 10.56 9.67 -18.81
C LEU B 136 10.60 10.29 -17.43
N LEU B 137 11.36 11.37 -17.28
CA LEU B 137 11.39 12.07 -15.99
C LEU B 137 10.07 12.76 -15.68
N THR B 138 9.78 12.82 -14.39
CA THR B 138 8.50 13.27 -13.86
C THR B 138 8.68 14.30 -12.76
N ALA B 139 9.19 13.86 -11.61
CA ALA B 139 9.38 14.70 -10.45
C ALA B 139 10.76 14.44 -9.82
N LYS B 140 11.18 15.37 -8.97
CA LYS B 140 12.47 15.27 -8.30
C LYS B 140 12.36 15.84 -6.90
N HIS B 141 13.35 15.52 -6.09
CA HIS B 141 13.58 16.16 -4.79
C HIS B 141 15.07 16.44 -4.73
N GLY B 142 15.45 17.71 -4.74
CA GLY B 142 16.87 18.02 -4.78
C GLY B 142 17.46 17.46 -6.05
N ASN B 143 18.54 16.67 -5.91
CA ASN B 143 19.21 16.04 -7.03
C ASN B 143 18.70 14.63 -7.31
N HIS B 144 17.62 14.21 -6.65
CA HIS B 144 17.09 12.87 -6.81
C HIS B 144 15.84 12.88 -7.70
N TYR B 145 15.91 12.20 -8.83
CA TYR B 145 14.84 12.12 -9.81
C TYR B 145 14.14 10.78 -9.75
N ALA B 146 12.81 10.80 -9.69
CA ALA B 146 12.03 9.56 -9.74
C ALA B 146 12.09 8.91 -11.11
N VAL B 147 12.06 7.57 -11.08
CA VAL B 147 11.97 6.75 -12.30
C VAL B 147 10.65 5.98 -12.21
N SER B 148 9.60 6.49 -12.87
CA SER B 148 8.29 5.84 -12.85
C SER B 148 8.24 4.62 -13.76
N HIS B 149 7.85 3.48 -13.19
CA HIS B 149 7.88 2.23 -13.93
C HIS B 149 6.88 1.28 -13.27
N LEU B 150 6.92 0.02 -13.69
CA LEU B 150 5.87 -0.94 -13.28
C LEU B 150 6.29 -1.86 -12.14
N GLU B 151 7.41 -1.59 -11.51
CA GLU B 151 7.94 -2.37 -10.41
C GLU B 151 7.76 -1.58 -9.13
N GLY B 152 7.81 -2.27 -8.00
CA GLY B 152 7.71 -1.57 -6.73
C GLY B 152 6.27 -1.41 -6.30
N ASP B 153 6.13 -0.89 -5.07
CA ASP B 153 4.80 -0.71 -4.52
C ASP B 153 4.12 0.45 -5.23
N GLY B 154 2.83 0.31 -5.53
CA GLY B 154 2.08 1.39 -6.15
C GLY B 154 0.68 0.91 -6.41
N GLY B 155 -0.15 1.79 -6.97
CA GLY B 155 -1.52 1.41 -7.25
C GLY B 155 -2.29 2.54 -7.87
N TYR B 156 -3.60 2.34 -7.95
CA TYR B 156 -4.46 3.39 -8.46
C TYR B 156 -5.88 3.24 -7.94
N PHE B 157 -6.57 4.38 -7.95
CA PHE B 157 -7.98 4.51 -7.63
C PHE B 157 -8.75 4.85 -8.90
N GLU B 158 -9.93 4.26 -9.08
CA GLU B 158 -10.78 4.51 -10.24
C GLU B 158 -11.65 5.73 -9.92
N THR B 159 -11.30 6.87 -10.47
CA THR B 159 -11.99 8.12 -10.19
C THR B 159 -11.49 9.20 -11.14
N SER B 160 -12.34 10.20 -11.37
CA SER B 160 -11.96 11.39 -12.13
C SER B 160 -11.42 12.52 -11.25
N LYS B 161 -11.40 12.38 -9.92
CA LYS B 161 -10.92 13.46 -9.05
C LYS B 161 -9.39 13.46 -9.00
N PRO B 162 -8.77 14.63 -8.98
CA PRO B 162 -7.32 14.70 -8.79
C PRO B 162 -6.96 14.51 -7.33
N TRP B 163 -5.69 14.27 -7.09
CA TRP B 163 -5.24 14.10 -5.72
C TRP B 163 -5.30 15.40 -4.93
N GLU B 164 -5.61 15.27 -3.66
CA GLU B 164 -5.40 16.31 -2.64
C GLU B 164 -4.16 15.90 -1.84
N ILE B 165 -3.23 16.84 -1.66
CA ILE B 165 -1.97 16.59 -0.97
C ILE B 165 -1.93 17.47 0.26
N LYS B 166 -1.80 16.83 1.42
CA LYS B 166 -1.90 17.53 2.70
C LYS B 166 -0.74 17.14 3.60
N ASP B 167 -0.57 17.88 4.69
CA ASP B 167 0.47 17.62 5.67
C ASP B 167 -0.14 17.30 7.02
N MET B 168 0.44 16.33 7.70
CA MET B 168 -0.05 15.88 8.98
C MET B 168 0.58 16.67 10.12
N GLU B 169 -0.02 16.54 11.31
CA GLU B 169 0.49 17.08 12.56
C GLU B 169 0.73 15.89 13.47
N ASP B 170 1.84 15.94 14.21
CA ASP B 170 2.14 14.85 15.13
C ASP B 170 1.05 14.72 16.19
N GLY B 171 0.63 13.49 16.44
CA GLY B 171 -0.36 13.21 17.46
C GLY B 171 -1.79 13.40 17.03
N ARG B 172 -2.04 13.81 15.80
CA ARG B 172 -3.40 14.09 15.35
C ARG B 172 -3.97 12.83 14.73
N LEU B 173 -5.29 12.71 14.78
CA LEU B 173 -5.99 11.58 14.18
C LEU B 173 -6.65 11.99 12.88
N TYR B 174 -6.72 11.05 11.93
CA TYR B 174 -7.18 11.37 10.58
C TYR B 174 -8.23 10.38 10.12
N TYR B 175 -9.32 10.90 9.54
CA TYR B 175 -10.35 10.09 8.92
C TYR B 175 -10.91 10.85 7.73
N GLY B 176 -10.97 10.21 6.56
CA GLY B 176 -11.60 10.87 5.44
C GLY B 176 -10.92 12.17 5.08
N ASN B 177 -11.71 13.24 4.97
CA ASN B 177 -11.24 14.57 4.69
C ASN B 177 -10.81 15.35 5.92
N LYS B 178 -10.94 14.77 7.10
CA LYS B 178 -10.91 15.49 8.37
C LYS B 178 -9.81 14.99 9.31
N SER B 179 -9.56 15.79 10.33
CA SER B 179 -8.60 15.45 11.37
C SER B 179 -9.21 15.86 12.70
N PHE B 180 -8.71 15.23 13.77
CA PHE B 180 -9.34 15.31 15.06
C PHE B 180 -8.31 15.29 16.18
N ASN B 181 -8.77 15.84 17.32
CA ASN B 181 -7.91 15.90 18.50
C ASN B 181 -7.86 14.56 19.26
N SER B 182 -8.88 13.74 19.13
CA SER B 182 -9.06 12.58 19.98
C SER B 182 -9.94 11.57 19.26
N ARG B 183 -9.86 10.34 19.73
CA ARG B 183 -10.70 9.30 19.18
C ARG B 183 -12.17 9.58 19.43
N ASP B 184 -12.50 10.22 20.55
CA ASP B 184 -13.90 10.57 20.83
C ASP B 184 -14.44 11.51 19.75
N GLU B 185 -13.68 12.53 19.39
CA GLU B 185 -14.11 13.49 18.39
C GLU B 185 -14.24 12.82 17.03
N LEU B 186 -13.28 11.96 16.69
CA LEU B 186 -13.32 11.23 15.42
C LEU B 186 -14.54 10.32 15.34
N ARG B 187 -14.76 9.50 16.38
CA ARG B 187 -15.88 8.56 16.35
C ARG B 187 -17.22 9.28 16.33
N ALA B 188 -17.33 10.43 16.99
CA ALA B 188 -18.57 11.19 16.96
C ALA B 188 -18.86 11.67 15.54
N TYR B 189 -17.84 12.14 14.85
CA TYR B 189 -18.00 12.54 13.45
C TYR B 189 -18.47 11.39 12.56
N ILE B 190 -17.77 10.25 12.63
CA ILE B 190 -18.11 9.09 11.78
C ILE B 190 -19.58 8.71 11.98
N GLN B 191 -20.00 8.61 13.24
CA GLN B 191 -21.33 8.09 13.55
C GLN B 191 -22.42 8.91 12.89
N ASN B 192 -22.23 10.22 12.75
CA ASN B 192 -23.26 11.10 12.26
C ASN B 192 -23.20 11.37 10.75
N LEU B 193 -22.34 10.66 10.01
CA LEU B 193 -22.32 10.78 8.57
C LEU B 193 -23.41 9.92 7.94
N PRO B 194 -23.88 10.29 6.75
CA PRO B 194 -24.78 9.40 6.00
C PRO B 194 -24.03 8.14 5.61
N PRO B 195 -24.71 7.07 5.20
CA PRO B 195 -23.97 5.86 4.81
C PRO B 195 -23.09 6.10 3.60
N LEU B 196 -21.98 5.36 3.53
CA LEU B 196 -21.10 5.43 2.35
C LEU B 196 -21.91 5.24 1.07
N GLU B 197 -21.71 6.12 0.10
CA GLU B 197 -22.28 6.00 -1.23
C GLU B 197 -21.28 6.53 -2.26
N VAL B 198 -21.20 5.84 -3.41
CA VAL B 198 -20.37 6.22 -4.53
C VAL B 198 -21.20 6.00 -5.81
N ASP B 199 -21.11 6.94 -6.75
CA ASP B 199 -21.70 6.83 -8.08
C ASP B 199 -20.99 7.82 -9.02
N SER B 200 -21.44 7.89 -10.27
CA SER B 200 -20.73 8.73 -11.25
C SER B 200 -20.81 10.23 -10.93
N SER B 201 -21.83 10.67 -10.23
CA SER B 201 -21.88 12.07 -9.82
C SER B 201 -21.30 12.30 -8.45
N ALA B 202 -20.71 11.26 -7.85
CA ALA B 202 -20.10 11.36 -6.52
C ALA B 202 -18.81 10.54 -6.54
N PRO B 203 -17.81 11.03 -7.29
CA PRO B 203 -16.58 10.23 -7.45
C PRO B 203 -15.73 10.26 -6.16
N PRO B 204 -14.96 9.19 -5.94
CA PRO B 204 -14.09 9.15 -4.75
C PRO B 204 -12.93 10.12 -4.86
N GLN B 205 -12.52 10.66 -3.71
CA GLN B 205 -11.44 11.64 -3.60
C GLN B 205 -10.20 11.01 -3.00
N PRO B 206 -9.09 10.94 -3.73
CA PRO B 206 -7.82 10.48 -3.16
C PRO B 206 -7.05 11.56 -2.42
N ILE B 207 -6.48 11.19 -1.27
CA ILE B 207 -5.75 12.10 -0.39
C ILE B 207 -4.41 11.47 0.00
N LEU B 208 -3.34 12.23 -0.18
CA LEU B 208 -2.03 11.87 0.35
C LEU B 208 -1.81 12.73 1.59
N LEU B 209 -1.53 12.09 2.74
CA LEU B 209 -1.15 12.76 3.98
C LEU B 209 0.36 12.56 4.23
N ARG B 210 1.11 13.65 4.21
CA ARG B 210 2.57 13.60 4.34
C ARG B 210 2.98 13.84 5.77
N GLY B 211 4.01 13.13 6.23
CA GLY B 211 4.52 13.37 7.58
C GLY B 211 5.29 12.17 8.10
N LYS B 212 5.41 12.10 9.44
CA LYS B 212 6.15 11.00 10.06
C LYS B 212 5.42 9.67 9.98
N ASN B 213 4.09 9.68 9.89
CA ASN B 213 3.29 8.45 9.78
C ASN B 213 2.32 8.66 8.62
N PRO B 214 2.85 8.68 7.40
CA PRO B 214 2.04 9.16 6.25
C PRO B 214 0.99 8.16 5.83
N ARG B 215 -0.01 8.68 5.11
CA ARG B 215 -1.19 7.87 4.78
C ARG B 215 -1.65 8.13 3.34
N ILE B 216 -2.36 7.15 2.76
CA ILE B 216 -3.21 7.37 1.59
C ILE B 216 -4.66 7.10 2.00
N ILE B 217 -5.57 8.04 1.73
CA ILE B 217 -6.97 7.88 2.08
C ILE B 217 -7.81 8.04 0.83
N LEU B 218 -8.80 7.17 0.65
CA LEU B 218 -9.81 7.35 -0.38
C LEU B 218 -11.13 7.65 0.34
N VAL B 219 -11.73 8.81 0.06
CA VAL B 219 -12.94 9.25 0.76
C VAL B 219 -14.08 9.55 -0.21
N ALA B 220 -15.29 9.23 0.21
CA ALA B 220 -16.43 9.47 -0.64
C ALA B 220 -16.81 10.96 -0.61
N GLU B 221 -17.62 11.35 -1.60
CA GLU B 221 -18.07 12.73 -1.66
C GLU B 221 -18.76 13.18 -0.37
N ASN B 222 -19.49 12.28 0.28
CA ASN B 222 -20.23 12.59 1.50
C ASN B 222 -19.39 12.53 2.77
N GLY B 223 -18.10 12.23 2.67
CA GLY B 223 -17.27 12.24 3.83
C GLY B 223 -16.91 10.87 4.37
N ARG B 224 -17.65 9.84 3.99
CA ARG B 224 -17.34 8.50 4.46
C ARG B 224 -16.05 7.97 3.85
N GLN B 225 -15.22 7.36 4.68
CA GLN B 225 -14.04 6.69 4.17
C GLN B 225 -14.38 5.43 3.36
N ILE B 226 -13.56 5.20 2.34
CA ILE B 226 -13.56 3.97 1.58
C ILE B 226 -12.35 3.12 1.93
N SER B 227 -11.17 3.73 1.97
CA SER B 227 -9.97 3.01 2.35
C SER B 227 -9.00 3.96 3.05
N HIS B 228 -8.15 3.36 3.89
CA HIS B 228 -7.17 4.11 4.67
C HIS B 228 -5.93 3.22 4.74
N GLN B 229 -4.76 3.76 4.37
CA GLN B 229 -3.55 2.94 4.26
C GLN B 229 -2.38 3.70 4.84
N TYR B 230 -1.51 2.96 5.54
CA TYR B 230 -0.28 3.49 6.09
C TYR B 230 0.88 3.16 5.16
N ILE B 231 1.67 4.17 4.80
CA ILE B 231 2.83 4.00 3.94
C ILE B 231 4.12 4.39 4.68
N SER B 232 5.26 4.12 4.04
CA SER B 232 6.53 4.21 4.75
C SER B 232 6.97 5.64 5.01
N SER B 233 7.46 5.89 6.23
CA SER B 233 8.00 7.19 6.57
C SER B 233 9.33 7.49 5.86
N ASN B 234 9.95 6.49 5.23
CA ASN B 234 11.18 6.71 4.48
C ASN B 234 10.92 7.26 3.09
N LEU B 235 9.69 7.24 2.60
CA LEU B 235 9.41 7.74 1.27
C LEU B 235 9.61 9.25 1.25
N ILE B 236 10.17 9.76 0.16
CA ILE B 236 10.26 11.20 -0.05
C ILE B 236 8.93 11.66 -0.66
N THR B 237 8.12 12.39 0.11
CA THR B 237 6.82 12.85 -0.37
C THR B 237 6.80 14.33 -0.71
N ASP B 238 7.84 15.10 -0.35
CA ASP B 238 8.00 16.49 -0.74
C ASP B 238 8.67 16.50 -2.11
N VAL B 239 7.86 16.50 -3.16
CA VAL B 239 8.42 16.35 -4.51
C VAL B 239 8.00 17.54 -5.36
N GLU B 240 8.85 17.85 -6.33
CA GLU B 240 8.63 18.89 -7.33
C GLU B 240 8.33 18.23 -8.67
N TYR B 241 7.13 18.49 -9.22
CA TYR B 241 6.77 18.04 -10.56
C TYR B 241 7.41 19.02 -11.54
N LEU B 242 8.23 18.48 -12.44
CA LEU B 242 9.15 19.29 -13.24
C LEU B 242 8.41 20.11 -14.30
#